data_2DJ9
#
_entry.id   2DJ9
#
_entity_poly.entity_id   1
_entity_poly.type   'polypeptide(L)'
_entity_poly.pdbx_seq_one_letter_code
;ENFAGGCLTGFMRTPDGRCKPTF
;
_entity_poly.pdbx_strand_id   A
#
# COMPACT_ATOMS: atom_id res chain seq x y z
N GLU A 1 5.20 16.99 -4.51
CA GLU A 1 4.05 16.53 -3.69
C GLU A 1 4.32 15.14 -3.15
N ASN A 2 3.34 14.60 -2.42
CA ASN A 2 3.46 13.27 -1.84
C ASN A 2 2.37 12.36 -2.36
N PHE A 3 2.62 11.07 -2.33
CA PHE A 3 1.66 10.08 -2.82
C PHE A 3 1.54 8.94 -1.82
N ALA A 4 0.40 8.28 -1.83
CA ALA A 4 0.14 7.19 -0.90
C ALA A 4 0.59 5.86 -1.48
N GLY A 5 1.67 5.33 -0.92
CA GLY A 5 2.17 4.03 -1.31
C GLY A 5 1.60 2.93 -0.45
N GLY A 6 0.51 3.25 0.23
CA GLY A 6 -0.12 2.31 1.11
C GLY A 6 -1.46 1.86 0.58
N CYS A 7 -1.62 0.55 0.45
CA CYS A 7 -2.90 -0.04 0.05
C CYS A 7 -3.85 -0.08 1.25
N LEU A 8 -3.98 -1.23 1.90
CA LEU A 8 -4.71 -1.31 3.16
C LEU A 8 -3.75 -1.16 4.32
N THR A 9 -4.18 -1.55 5.51
CA THR A 9 -3.35 -1.43 6.71
C THR A 9 -2.11 -2.34 6.65
N GLY A 10 -0.95 -1.74 6.46
CA GLY A 10 0.28 -2.49 6.42
C GLY A 10 0.54 -3.07 5.05
N PHE A 11 -0.16 -2.56 4.05
CA PHE A 11 -0.02 -3.04 2.68
C PHE A 11 0.74 -2.04 1.84
N MET A 12 1.86 -2.46 1.29
CA MET A 12 2.61 -1.63 0.37
C MET A 12 1.99 -1.72 -1.01
N ARG A 13 1.25 -0.70 -1.40
CA ARG A 13 0.70 -0.62 -2.74
C ARG A 13 1.65 0.11 -3.64
N THR A 14 1.90 -0.47 -4.80
CA THR A 14 2.80 0.12 -5.77
C THR A 14 2.01 0.71 -6.93
N PRO A 15 2.64 1.62 -7.71
CA PRO A 15 2.05 2.16 -8.94
C PRO A 15 1.87 1.08 -10.01
N ASP A 16 2.27 -0.12 -9.64
CA ASP A 16 2.09 -1.30 -10.48
C ASP A 16 0.65 -1.78 -10.34
N GLY A 17 -0.03 -1.28 -9.30
CA GLY A 17 -1.43 -1.61 -9.10
C GLY A 17 -1.61 -2.86 -8.26
N ARG A 18 -0.63 -3.10 -7.39
CA ARG A 18 -0.61 -4.33 -6.60
C ARG A 18 -0.27 -4.02 -5.13
N CYS A 19 -0.87 -4.78 -4.23
CA CYS A 19 -0.71 -4.54 -2.80
C CYS A 19 0.01 -5.72 -2.14
N LYS A 20 1.14 -5.45 -1.50
CA LYS A 20 1.85 -6.47 -0.74
C LYS A 20 2.08 -6.01 0.69
N PRO A 21 1.49 -6.69 1.67
CA PRO A 21 1.71 -6.40 3.08
C PRO A 21 3.19 -6.40 3.45
N THR A 22 3.57 -5.47 4.31
CA THR A 22 4.94 -5.40 4.79
C THR A 22 5.08 -6.25 6.05
N PHE A 23 5.67 -7.43 5.89
CA PHE A 23 5.82 -8.35 6.99
C PHE A 23 7.29 -8.69 7.22
N GLU A 1 -7.39 5.64 2.75
CA GLU A 1 -5.95 5.59 3.10
C GLU A 1 -5.55 6.85 3.87
N ASN A 2 -5.58 6.76 5.19
CA ASN A 2 -5.20 7.88 6.05
C ASN A 2 -3.71 7.85 6.37
N PHE A 3 -3.37 7.22 7.50
CA PHE A 3 -1.98 7.15 7.96
C PHE A 3 -1.31 5.90 7.43
N ALA A 4 -2.06 5.10 6.68
CA ALA A 4 -1.52 3.92 6.04
C ALA A 4 -1.00 4.27 4.65
N GLY A 5 0.30 4.50 4.55
CA GLY A 5 0.89 4.88 3.28
C GLY A 5 1.03 3.72 2.33
N GLY A 6 -0.06 3.33 1.70
CA GLY A 6 -0.03 2.24 0.76
C GLY A 6 -1.41 1.80 0.35
N CYS A 7 -1.65 0.50 0.36
CA CYS A 7 -2.94 -0.06 0.00
C CYS A 7 -3.82 -0.20 1.24
N LEU A 8 -3.69 -1.33 1.93
CA LEU A 8 -4.42 -1.56 3.17
C LEU A 8 -3.58 -1.14 4.37
N THR A 9 -4.04 -1.49 5.57
CA THR A 9 -3.41 -1.10 6.83
C THR A 9 -1.90 -1.37 6.84
N GLY A 10 -1.49 -2.52 6.32
CA GLY A 10 -0.08 -2.85 6.28
C GLY A 10 0.30 -3.37 4.92
N PHE A 11 -0.28 -2.77 3.89
CA PHE A 11 -0.02 -3.17 2.53
C PHE A 11 0.65 -2.06 1.75
N MET A 12 1.75 -2.37 1.11
CA MET A 12 2.40 -1.43 0.23
C MET A 12 1.78 -1.52 -1.15
N ARG A 13 1.00 -0.52 -1.51
CA ARG A 13 0.47 -0.44 -2.85
C ARG A 13 1.52 0.10 -3.78
N THR A 14 1.97 -0.74 -4.68
CA THR A 14 2.95 -0.35 -5.67
C THR A 14 2.29 0.43 -6.79
N PRO A 15 3.06 1.28 -7.49
CA PRO A 15 2.59 2.02 -8.68
C PRO A 15 1.93 1.12 -9.73
N ASP A 16 2.28 -0.17 -9.73
CA ASP A 16 1.68 -1.11 -10.69
C ASP A 16 0.36 -1.67 -10.15
N GLY A 17 -0.06 -1.17 -9.00
CA GLY A 17 -1.37 -1.52 -8.46
C GLY A 17 -1.36 -2.82 -7.68
N ARG A 18 -0.22 -3.18 -7.12
CA ARG A 18 -0.13 -4.41 -6.35
C ARG A 18 -0.07 -4.12 -4.86
N CYS A 19 -1.00 -4.72 -4.13
CA CYS A 19 -1.07 -4.54 -2.68
C CYS A 19 -0.34 -5.68 -1.98
N LYS A 20 0.92 -5.47 -1.66
CA LYS A 20 1.72 -6.47 -0.96
C LYS A 20 1.99 -6.03 0.47
N PRO A 21 1.62 -6.85 1.47
CA PRO A 21 1.84 -6.55 2.89
C PRO A 21 3.31 -6.28 3.21
N THR A 22 3.54 -5.24 3.98
CA THR A 22 4.88 -4.82 4.35
C THR A 22 5.37 -5.59 5.57
N PHE A 23 4.47 -5.80 6.51
CA PHE A 23 4.79 -6.49 7.76
C PHE A 23 4.38 -7.95 7.66
N GLU A 1 4.02 7.21 2.41
CA GLU A 1 5.20 8.08 2.53
C GLU A 1 4.91 9.52 2.10
N ASN A 2 4.18 9.70 0.99
CA ASN A 2 3.88 11.04 0.50
C ASN A 2 2.62 11.59 1.15
N PHE A 3 1.59 10.78 1.22
CA PHE A 3 0.33 11.20 1.80
C PHE A 3 -0.33 10.02 2.52
N ALA A 4 -0.58 8.96 1.76
CA ALA A 4 -1.19 7.76 2.31
C ALA A 4 -0.12 6.80 2.84
N GLY A 5 -0.55 5.69 3.41
CA GLY A 5 0.38 4.72 3.97
C GLY A 5 0.29 3.38 3.28
N GLY A 6 0.16 3.41 1.96
CA GLY A 6 0.12 2.17 1.19
C GLY A 6 -1.27 1.83 0.72
N CYS A 7 -1.51 0.55 0.48
CA CYS A 7 -2.80 0.07 0.01
C CYS A 7 -3.77 -0.07 1.18
N LEU A 8 -3.84 -1.28 1.75
CA LEU A 8 -4.61 -1.51 2.95
C LEU A 8 -3.72 -1.31 4.17
N THR A 9 -4.21 -1.68 5.34
CA THR A 9 -3.45 -1.55 6.57
C THR A 9 -2.18 -2.42 6.53
N GLY A 10 -1.03 -1.78 6.34
CA GLY A 10 0.23 -2.50 6.31
C GLY A 10 0.51 -3.13 4.97
N PHE A 11 -0.12 -2.59 3.93
CA PHE A 11 0.05 -3.11 2.58
C PHE A 11 0.84 -2.15 1.71
N MET A 12 1.90 -2.64 1.09
CA MET A 12 2.68 -1.86 0.16
C MET A 12 1.98 -1.81 -1.19
N ARG A 13 1.31 -0.69 -1.46
CA ARG A 13 0.69 -0.50 -2.75
C ARG A 13 1.70 0.05 -3.72
N THR A 14 2.06 -0.75 -4.70
CA THR A 14 3.00 -0.33 -5.70
C THR A 14 2.30 0.55 -6.75
N PRO A 15 3.07 1.36 -7.51
CA PRO A 15 2.52 2.15 -8.63
C PRO A 15 1.95 1.25 -9.72
N ASP A 16 2.23 -0.03 -9.60
CA ASP A 16 1.72 -1.05 -10.50
C ASP A 16 0.27 -1.40 -10.16
N GLY A 17 -0.09 -1.22 -8.89
CA GLY A 17 -1.46 -1.44 -8.46
C GLY A 17 -1.57 -2.60 -7.48
N ARG A 18 -0.49 -3.34 -7.34
CA ARG A 18 -0.48 -4.53 -6.50
C ARG A 18 -0.34 -4.17 -5.02
N CYS A 19 -1.13 -4.83 -4.18
CA CYS A 19 -1.10 -4.60 -2.74
C CYS A 19 -0.41 -5.77 -2.04
N LYS A 20 0.77 -5.53 -1.49
CA LYS A 20 1.54 -6.58 -0.85
C LYS A 20 1.98 -6.14 0.56
N PRO A 21 1.50 -6.83 1.60
CA PRO A 21 1.81 -6.51 3.02
C PRO A 21 3.30 -6.29 3.27
N THR A 22 3.60 -5.29 4.10
CA THR A 22 4.97 -4.98 4.45
C THR A 22 5.05 -4.45 5.89
N PHE A 23 3.94 -4.59 6.61
CA PHE A 23 3.83 -4.11 7.99
C PHE A 23 3.92 -2.59 8.04
N GLU A 1 -6.00 8.60 3.00
CA GLU A 1 -5.05 7.46 3.04
C GLU A 1 -3.61 7.93 2.79
N ASN A 2 -3.39 9.23 2.79
CA ASN A 2 -2.11 9.77 2.35
C ASN A 2 -1.05 9.64 3.44
N PHE A 3 -1.48 9.53 4.70
CA PHE A 3 -0.55 9.32 5.80
C PHE A 3 -0.17 7.85 5.89
N ALA A 4 -0.91 7.01 5.14
CA ALA A 4 -0.61 5.59 5.07
C ALA A 4 0.35 5.33 3.91
N GLY A 5 0.02 5.89 2.75
CA GLY A 5 0.91 5.80 1.59
C GLY A 5 0.73 4.53 0.79
N GLY A 6 0.55 3.42 1.50
CA GLY A 6 0.43 2.14 0.84
C GLY A 6 -0.99 1.80 0.44
N CYS A 7 -1.29 0.51 0.39
CA CYS A 7 -2.59 0.03 -0.04
C CYS A 7 -3.54 -0.11 1.14
N LEU A 8 -3.61 -1.32 1.70
CA LEU A 8 -4.44 -1.58 2.86
C LEU A 8 -3.65 -1.36 4.15
N THR A 9 -4.24 -1.74 5.28
CA THR A 9 -3.60 -1.64 6.58
C THR A 9 -2.25 -2.39 6.60
N GLY A 10 -1.17 -1.63 6.47
CA GLY A 10 0.15 -2.22 6.49
C GLY A 10 0.54 -2.83 5.16
N PHE A 11 -0.11 -2.41 4.10
CA PHE A 11 0.16 -2.93 2.78
C PHE A 11 0.91 -1.92 1.92
N MET A 12 1.85 -2.41 1.13
CA MET A 12 2.55 -1.58 0.17
C MET A 12 1.84 -1.64 -1.18
N ARG A 13 1.20 -0.55 -1.54
CA ARG A 13 0.60 -0.42 -2.87
C ARG A 13 1.63 0.11 -3.84
N THR A 14 2.00 -0.71 -4.79
CA THR A 14 2.94 -0.31 -5.80
C THR A 14 2.24 0.48 -6.90
N PRO A 15 2.97 1.34 -7.63
CA PRO A 15 2.40 2.22 -8.65
C PRO A 15 1.75 1.47 -9.82
N ASP A 16 2.00 0.16 -9.88
CA ASP A 16 1.44 -0.68 -10.92
C ASP A 16 0.15 -1.36 -10.45
N GLY A 17 -0.21 -1.12 -9.19
CA GLY A 17 -1.47 -1.64 -8.68
C GLY A 17 -1.34 -3.00 -8.02
N ARG A 18 -0.28 -3.19 -7.24
CA ARG A 18 -0.11 -4.41 -6.47
C ARG A 18 -0.12 -4.07 -4.97
N CYS A 19 -0.77 -4.90 -4.18
CA CYS A 19 -0.86 -4.68 -2.75
C CYS A 19 -0.28 -5.86 -1.97
N LYS A 20 0.84 -5.64 -1.30
CA LYS A 20 1.46 -6.70 -0.52
C LYS A 20 1.71 -6.22 0.92
N PRO A 21 1.40 -7.05 1.91
CA PRO A 21 1.68 -6.75 3.32
C PRO A 21 3.16 -6.42 3.52
N THR A 22 3.42 -5.40 4.32
CA THR A 22 4.78 -4.97 4.58
C THR A 22 5.44 -5.84 5.64
N PHE A 23 4.64 -6.66 6.30
CA PHE A 23 5.13 -7.59 7.30
C PHE A 23 4.70 -9.01 6.94
N GLU A 1 -9.33 10.97 4.05
CA GLU A 1 -9.51 9.58 3.55
C GLU A 1 -8.32 9.17 2.68
N ASN A 2 -8.06 9.94 1.64
CA ASN A 2 -7.02 9.60 0.68
C ASN A 2 -5.67 10.18 1.09
N PHE A 3 -5.47 10.31 2.39
CA PHE A 3 -4.22 10.82 2.92
C PHE A 3 -3.33 9.65 3.35
N ALA A 4 -3.85 8.45 3.20
CA ALA A 4 -3.13 7.24 3.57
C ALA A 4 -1.99 6.96 2.59
N GLY A 5 -0.89 6.46 3.11
CA GLY A 5 0.25 6.14 2.28
C GLY A 5 0.42 4.65 2.11
N GLY A 6 0.01 4.15 0.96
CA GLY A 6 0.09 2.72 0.69
C GLY A 6 -1.24 2.18 0.21
N CYS A 7 -1.41 0.87 0.29
CA CYS A 7 -2.67 0.24 -0.09
C CYS A 7 -3.60 0.10 1.12
N LEU A 8 -3.74 -1.10 1.63
CA LEU A 8 -4.57 -1.36 2.79
C LEU A 8 -3.74 -1.25 4.07
N THR A 9 -4.31 -1.73 5.18
CA THR A 9 -3.67 -1.70 6.47
C THR A 9 -2.43 -2.62 6.49
N GLY A 10 -1.25 -2.01 6.42
CA GLY A 10 -0.02 -2.77 6.42
C GLY A 10 0.40 -3.19 5.01
N PHE A 11 -0.32 -2.67 4.02
CA PHE A 11 -0.06 -3.02 2.63
C PHE A 11 0.67 -1.91 1.90
N MET A 12 1.83 -2.25 1.35
CA MET A 12 2.56 -1.35 0.49
C MET A 12 2.02 -1.44 -0.93
N ARG A 13 1.30 -0.43 -1.35
CA ARG A 13 0.80 -0.38 -2.72
C ARG A 13 1.89 0.09 -3.65
N THR A 14 2.07 -0.63 -4.73
CA THR A 14 3.03 -0.26 -5.73
C THR A 14 2.32 0.40 -6.91
N PRO A 15 3.04 1.24 -7.69
CA PRO A 15 2.45 2.00 -8.81
C PRO A 15 1.98 1.12 -9.98
N ASP A 16 1.83 -0.17 -9.75
CA ASP A 16 1.32 -1.08 -10.75
C ASP A 16 -0.04 -1.63 -10.32
N GLY A 17 -0.48 -1.21 -9.13
CA GLY A 17 -1.78 -1.62 -8.64
C GLY A 17 -1.70 -2.86 -7.77
N ARG A 18 -0.50 -3.22 -7.38
CA ARG A 18 -0.28 -4.38 -6.53
C ARG A 18 -0.15 -3.96 -5.07
N CYS A 19 -0.71 -4.77 -4.19
CA CYS A 19 -0.69 -4.49 -2.75
C CYS A 19 -0.04 -5.64 -2.01
N LYS A 20 1.09 -5.38 -1.38
CA LYS A 20 1.77 -6.43 -0.62
C LYS A 20 2.01 -5.96 0.82
N PRO A 21 1.59 -6.78 1.81
CA PRO A 21 1.83 -6.49 3.23
C PRO A 21 3.32 -6.42 3.54
N THR A 22 3.70 -5.42 4.31
CA THR A 22 5.10 -5.24 4.65
C THR A 22 5.50 -6.19 5.77
N PHE A 23 4.67 -6.26 6.81
CA PHE A 23 4.91 -7.17 7.93
C PHE A 23 3.68 -7.16 8.83
N GLU A 1 -10.01 8.56 7.11
CA GLU A 1 -9.55 9.76 7.86
C GLU A 1 -8.03 9.89 7.79
N ASN A 2 -7.34 8.75 7.82
CA ASN A 2 -5.89 8.76 7.79
C ASN A 2 -5.37 7.95 6.60
N PHE A 3 -4.06 7.84 6.51
CA PHE A 3 -3.42 7.05 5.47
C PHE A 3 -2.76 5.84 6.10
N ALA A 4 -3.27 4.65 5.78
CA ALA A 4 -2.75 3.41 6.33
C ALA A 4 -1.33 3.13 5.84
N GLY A 5 -1.00 3.66 4.67
CA GLY A 5 0.32 3.50 4.12
C GLY A 5 0.28 3.47 2.61
N GLY A 6 0.03 2.29 2.06
CA GLY A 6 -0.09 2.15 0.63
C GLY A 6 -1.48 1.73 0.22
N CYS A 7 -1.77 0.44 0.35
CA CYS A 7 -3.08 -0.09 0.03
C CYS A 7 -3.92 -0.23 1.31
N LEU A 8 -3.91 -1.43 1.91
CA LEU A 8 -4.58 -1.64 3.19
C LEU A 8 -3.60 -1.38 4.35
N THR A 9 -4.05 -1.62 5.56
CA THR A 9 -3.20 -1.52 6.73
C THR A 9 -2.03 -2.50 6.64
N GLY A 10 -0.81 -1.97 6.63
CA GLY A 10 0.36 -2.82 6.53
C GLY A 10 0.66 -3.20 5.09
N PHE A 11 -0.21 -2.76 4.19
CA PHE A 11 -0.06 -3.09 2.77
C PHE A 11 0.51 -1.92 2.00
N MET A 12 1.50 -2.19 1.18
CA MET A 12 2.02 -1.19 0.29
C MET A 12 1.46 -1.40 -1.10
N ARG A 13 0.68 -0.42 -1.56
CA ARG A 13 0.21 -0.40 -2.93
C ARG A 13 1.30 0.15 -3.83
N THR A 14 1.84 -0.70 -4.66
CA THR A 14 2.93 -0.29 -5.52
C THR A 14 2.42 0.42 -6.78
N PRO A 15 3.29 1.19 -7.46
CA PRO A 15 2.94 1.85 -8.73
C PRO A 15 2.53 0.87 -9.83
N ASP A 16 2.64 -0.43 -9.54
CA ASP A 16 2.17 -1.45 -10.46
C ASP A 16 0.67 -1.59 -10.34
N GLY A 17 0.15 -1.23 -9.18
CA GLY A 17 -1.25 -1.42 -8.87
C GLY A 17 -1.47 -2.62 -7.97
N ARG A 18 -0.39 -3.12 -7.39
CA ARG A 18 -0.44 -4.30 -6.53
C ARG A 18 -0.54 -3.91 -5.07
N CYS A 19 -1.18 -4.77 -4.28
CA CYS A 19 -1.32 -4.53 -2.86
C CYS A 19 -0.70 -5.68 -2.07
N LYS A 20 0.46 -5.45 -1.47
CA LYS A 20 1.11 -6.48 -0.68
C LYS A 20 1.65 -5.90 0.63
N PRO A 21 1.51 -6.64 1.73
CA PRO A 21 1.99 -6.21 3.05
C PRO A 21 3.52 -6.08 3.10
N THR A 22 3.98 -5.13 3.89
CA THR A 22 5.41 -4.92 4.09
C THR A 22 5.87 -5.59 5.37
N PHE A 23 4.91 -6.12 6.12
CA PHE A 23 5.21 -6.79 7.38
C PHE A 23 5.16 -8.30 7.20
N GLU A 1 -3.92 12.17 -0.05
CA GLU A 1 -3.05 11.86 1.10
C GLU A 1 -3.89 11.37 2.28
N ASN A 2 -3.56 10.18 2.75
CA ASN A 2 -4.28 9.59 3.88
C ASN A 2 -3.33 9.34 5.03
N PHE A 3 -3.87 8.91 6.16
CA PHE A 3 -3.08 8.71 7.37
C PHE A 3 -2.51 7.31 7.42
N ALA A 4 -3.19 6.37 6.79
CA ALA A 4 -2.75 4.98 6.79
C ALA A 4 -1.48 4.80 5.98
N GLY A 5 -1.61 4.85 4.65
CA GLY A 5 -0.48 4.67 3.77
C GLY A 5 -0.54 3.35 3.04
N GLY A 6 -0.59 3.43 1.72
CA GLY A 6 -0.69 2.23 0.90
C GLY A 6 -2.13 1.86 0.62
N CYS A 7 -2.37 0.60 0.26
CA CYS A 7 -3.72 0.13 0.06
C CYS A 7 -4.41 -0.14 1.39
N LEU A 8 -4.27 -1.37 1.89
CA LEU A 8 -4.86 -1.74 3.17
C LEU A 8 -3.86 -1.51 4.30
N THR A 9 -4.20 -1.98 5.48
CA THR A 9 -3.37 -1.81 6.66
C THR A 9 -2.04 -2.55 6.50
N GLY A 10 -0.98 -1.79 6.32
CA GLY A 10 0.34 -2.37 6.18
C GLY A 10 0.59 -2.93 4.79
N PHE A 11 -0.07 -2.35 3.79
CA PHE A 11 0.08 -2.82 2.41
C PHE A 11 0.89 -1.82 1.60
N MET A 12 2.05 -2.25 1.15
CA MET A 12 2.88 -1.42 0.29
C MET A 12 2.34 -1.45 -1.13
N ARG A 13 1.65 -0.37 -1.50
CA ARG A 13 1.10 -0.23 -2.84
C ARG A 13 2.18 0.16 -3.83
N THR A 14 2.19 -0.51 -4.97
CA THR A 14 3.12 -0.19 -6.04
C THR A 14 2.38 0.50 -7.18
N PRO A 15 3.11 1.14 -8.11
CA PRO A 15 2.50 1.81 -9.27
C PRO A 15 1.80 0.83 -10.23
N ASP A 16 1.90 -0.46 -9.93
CA ASP A 16 1.20 -1.48 -10.71
C ASP A 16 -0.27 -1.53 -10.28
N GLY A 17 -0.51 -1.13 -9.05
CA GLY A 17 -1.80 -1.35 -8.45
C GLY A 17 -1.77 -2.54 -7.51
N ARG A 18 -0.55 -3.05 -7.30
CA ARG A 18 -0.35 -4.18 -6.40
C ARG A 18 -0.11 -3.68 -4.99
N CYS A 19 -0.46 -4.49 -4.01
CA CYS A 19 -0.31 -4.12 -2.62
C CYS A 19 0.34 -5.27 -1.83
N LYS A 20 1.60 -5.12 -1.47
CA LYS A 20 2.31 -6.17 -0.75
C LYS A 20 2.34 -5.87 0.75
N PRO A 21 1.67 -6.71 1.57
CA PRO A 21 1.69 -6.57 3.03
C PRO A 21 3.08 -6.64 3.63
N THR A 22 3.31 -5.86 4.66
CA THR A 22 4.54 -5.90 5.41
C THR A 22 4.39 -6.80 6.63
N PHE A 23 5.36 -7.67 6.84
CA PHE A 23 5.38 -8.53 8.02
C PHE A 23 5.32 -7.69 9.29
N GLU A 1 -2.33 18.17 0.71
CA GLU A 1 -1.61 17.73 -0.50
C GLU A 1 -1.65 16.23 -0.62
N ASN A 2 -1.88 15.74 -1.83
CA ASN A 2 -2.15 14.32 -2.05
C ASN A 2 -0.87 13.52 -2.24
N PHE A 3 -0.62 12.60 -1.31
CA PHE A 3 0.50 11.68 -1.41
C PHE A 3 0.02 10.26 -1.13
N ALA A 4 0.54 9.30 -1.87
CA ALA A 4 0.15 7.91 -1.69
C ALA A 4 1.06 7.23 -0.67
N GLY A 5 0.46 6.62 0.33
CA GLY A 5 1.24 5.93 1.35
C GLY A 5 1.23 4.43 1.11
N GLY A 6 0.12 3.79 1.45
CA GLY A 6 0.00 2.37 1.27
C GLY A 6 -1.36 1.97 0.76
N CYS A 7 -1.51 0.69 0.44
CA CYS A 7 -2.79 0.17 -0.03
C CYS A 7 -3.74 -0.04 1.15
N LEU A 8 -3.80 -1.27 1.65
CA LEU A 8 -4.61 -1.59 2.82
C LEU A 8 -3.78 -1.43 4.08
N THR A 9 -4.31 -1.86 5.21
CA THR A 9 -3.62 -1.78 6.48
C THR A 9 -2.33 -2.60 6.48
N GLY A 10 -1.19 -1.91 6.46
CA GLY A 10 0.10 -2.57 6.46
C GLY A 10 0.54 -3.00 5.08
N PHE A 11 -0.20 -2.56 4.06
CA PHE A 11 0.07 -2.96 2.69
C PHE A 11 0.81 -1.88 1.93
N MET A 12 1.83 -2.30 1.19
CA MET A 12 2.54 -1.42 0.28
C MET A 12 1.93 -1.52 -1.10
N ARG A 13 1.24 -0.48 -1.52
CA ARG A 13 0.70 -0.42 -2.86
C ARG A 13 1.71 0.20 -3.80
N THR A 14 2.17 -0.58 -4.74
CA THR A 14 3.15 -0.08 -5.70
C THR A 14 2.45 0.60 -6.87
N PRO A 15 3.19 1.35 -7.71
CA PRO A 15 2.67 1.95 -8.95
C PRO A 15 2.06 0.93 -9.91
N ASP A 16 2.20 -0.34 -9.56
CA ASP A 16 1.62 -1.42 -10.33
C ASP A 16 0.13 -1.52 -10.06
N GLY A 17 -0.24 -1.19 -8.82
CA GLY A 17 -1.60 -1.36 -8.38
C GLY A 17 -1.77 -2.62 -7.55
N ARG A 18 -0.66 -3.30 -7.32
CA ARG A 18 -0.66 -4.48 -6.48
C ARG A 18 -0.44 -4.08 -5.03
N CYS A 19 -1.02 -4.84 -4.12
CA CYS A 19 -0.96 -4.53 -2.71
C CYS A 19 -0.30 -5.67 -1.94
N LYS A 20 0.98 -5.51 -1.62
CA LYS A 20 1.70 -6.51 -0.84
C LYS A 20 1.96 -5.98 0.56
N PRO A 21 1.59 -6.75 1.60
CA PRO A 21 1.86 -6.38 2.99
C PRO A 21 3.34 -6.17 3.25
N THR A 22 3.66 -5.37 4.25
CA THR A 22 5.05 -5.06 4.57
C THR A 22 5.53 -5.85 5.79
N PHE A 23 4.72 -6.83 6.20
CA PHE A 23 5.04 -7.66 7.35
C PHE A 23 5.15 -9.12 6.92
N GLU A 1 -2.31 17.56 3.07
CA GLU A 1 -0.88 17.63 3.44
C GLU A 1 -0.31 16.23 3.65
N ASN A 2 -1.13 15.31 4.15
CA ASN A 2 -0.70 13.95 4.42
C ASN A 2 -0.99 13.05 3.22
N PHE A 3 0.04 12.39 2.73
CA PHE A 3 -0.09 11.47 1.61
C PHE A 3 0.14 10.04 2.08
N ALA A 4 -0.88 9.20 1.94
CA ALA A 4 -0.84 7.82 2.42
C ALA A 4 0.06 6.95 1.54
N GLY A 5 1.26 6.67 2.04
CA GLY A 5 2.20 5.86 1.30
C GLY A 5 1.99 4.38 1.54
N GLY A 6 0.89 3.85 1.05
CA GLY A 6 0.59 2.45 1.20
C GLY A 6 -0.77 2.10 0.64
N CYS A 7 -1.08 0.82 0.58
CA CYS A 7 -2.38 0.38 0.10
C CYS A 7 -3.35 0.17 1.28
N LEU A 8 -3.52 -1.08 1.69
CA LEU A 8 -4.42 -1.42 2.77
C LEU A 8 -3.71 -1.42 4.11
N THR A 9 -4.38 -1.92 5.14
CA THR A 9 -3.81 -2.01 6.49
C THR A 9 -2.55 -2.88 6.50
N GLY A 10 -1.38 -2.24 6.49
CA GLY A 10 -0.14 -2.97 6.52
C GLY A 10 0.34 -3.33 5.13
N PHE A 11 -0.27 -2.71 4.13
CA PHE A 11 0.05 -2.99 2.74
C PHE A 11 0.76 -1.84 2.09
N MET A 12 1.76 -2.15 1.28
CA MET A 12 2.41 -1.16 0.46
C MET A 12 1.89 -1.29 -0.97
N ARG A 13 1.23 -0.25 -1.46
CA ARG A 13 0.73 -0.27 -2.82
C ARG A 13 1.85 0.06 -3.80
N THR A 14 1.99 -0.78 -4.79
CA THR A 14 2.95 -0.55 -5.85
C THR A 14 2.33 0.34 -6.94
N PRO A 15 3.15 1.05 -7.72
CA PRO A 15 2.68 1.88 -8.83
C PRO A 15 1.97 1.06 -9.92
N ASP A 16 2.11 -0.27 -9.83
CA ASP A 16 1.44 -1.16 -10.77
C ASP A 16 -0.01 -1.34 -10.36
N GLY A 17 -0.26 -1.35 -9.06
CA GLY A 17 -1.61 -1.54 -8.54
C GLY A 17 -1.68 -2.70 -7.56
N ARG A 18 -0.58 -3.44 -7.45
CA ARG A 18 -0.53 -4.59 -6.56
C ARG A 18 -0.28 -4.13 -5.13
N CYS A 19 -1.07 -4.66 -4.20
CA CYS A 19 -0.91 -4.35 -2.80
C CYS A 19 -0.27 -5.53 -2.07
N LYS A 20 0.89 -5.29 -1.47
CA LYS A 20 1.58 -6.34 -0.74
C LYS A 20 1.93 -5.88 0.67
N PRO A 21 1.67 -6.71 1.69
CA PRO A 21 1.95 -6.37 3.10
C PRO A 21 3.43 -6.19 3.38
N THR A 22 3.74 -5.26 4.26
CA THR A 22 5.12 -4.98 4.65
C THR A 22 5.49 -5.74 5.92
N PHE A 23 4.65 -6.69 6.29
CA PHE A 23 4.83 -7.43 7.51
C PHE A 23 4.54 -8.90 7.25
N GLU A 1 -11.77 4.06 3.99
CA GLU A 1 -11.43 2.65 3.76
C GLU A 1 -10.69 2.49 2.43
N ASN A 2 -11.36 2.80 1.32
CA ASN A 2 -10.80 2.54 0.00
C ASN A 2 -10.14 3.79 -0.57
N PHE A 3 -9.96 4.80 0.27
CA PHE A 3 -9.35 6.05 -0.16
C PHE A 3 -8.09 6.33 0.64
N ALA A 4 -7.46 5.27 1.13
CA ALA A 4 -6.25 5.38 1.95
C ALA A 4 -5.00 5.61 1.10
N GLY A 5 -5.19 5.82 -0.19
CA GLY A 5 -4.06 6.06 -1.08
C GLY A 5 -3.55 4.80 -1.73
N GLY A 6 -4.42 3.82 -1.85
CA GLY A 6 -4.05 2.59 -2.49
C GLY A 6 -4.62 1.38 -1.79
N CYS A 7 -3.76 0.64 -1.11
CA CYS A 7 -4.19 -0.58 -0.44
C CYS A 7 -4.43 -0.31 1.05
N LEU A 8 -4.63 -1.37 1.83
CA LEU A 8 -5.00 -1.23 3.23
C LEU A 8 -3.77 -1.13 4.14
N THR A 9 -4.02 -1.19 5.45
CA THR A 9 -2.98 -1.01 6.46
C THR A 9 -1.91 -2.11 6.37
N GLY A 10 -0.66 -1.69 6.33
CA GLY A 10 0.44 -2.63 6.31
C GLY A 10 0.77 -3.09 4.90
N PHE A 11 -0.02 -2.66 3.95
CA PHE A 11 0.16 -3.07 2.57
C PHE A 11 0.94 -2.03 1.79
N MET A 12 2.02 -2.46 1.18
CA MET A 12 2.74 -1.63 0.24
C MET A 12 2.02 -1.66 -1.10
N ARG A 13 1.31 -0.58 -1.38
CA ARG A 13 0.64 -0.42 -2.67
C ARG A 13 1.66 0.12 -3.66
N THR A 14 1.91 -0.66 -4.69
CA THR A 14 2.95 -0.33 -5.66
C THR A 14 2.39 0.57 -6.76
N PRO A 15 3.27 1.29 -7.48
CA PRO A 15 2.89 2.08 -8.67
C PRO A 15 2.31 1.20 -9.78
N ASP A 16 2.37 -0.10 -9.56
CA ASP A 16 1.78 -1.07 -10.46
C ASP A 16 0.28 -1.18 -10.22
N GLY A 17 -0.11 -1.11 -8.95
CA GLY A 17 -1.50 -1.24 -8.58
C GLY A 17 -1.71 -2.31 -7.53
N ARG A 18 -0.87 -3.34 -7.57
CA ARG A 18 -0.94 -4.43 -6.61
C ARG A 18 -0.30 -4.03 -5.27
N CYS A 19 -0.67 -4.74 -4.22
CA CYS A 19 -0.20 -4.41 -2.87
C CYS A 19 0.06 -5.66 -2.05
N LYS A 20 1.07 -5.59 -1.17
CA LYS A 20 1.38 -6.71 -0.28
C LYS A 20 1.77 -6.19 1.11
N PRO A 21 1.40 -6.92 2.19
CA PRO A 21 1.86 -6.59 3.54
C PRO A 21 3.38 -6.61 3.65
N THR A 22 3.93 -5.53 4.18
CA THR A 22 5.37 -5.40 4.33
C THR A 22 5.89 -6.20 5.51
N PHE A 23 4.98 -6.52 6.44
CA PHE A 23 5.33 -7.26 7.64
C PHE A 23 5.64 -8.71 7.31
N GLU A 1 1.66 16.80 0.81
CA GLU A 1 2.60 16.19 1.78
C GLU A 1 2.58 14.68 1.67
N ASN A 2 1.54 14.08 2.23
CA ASN A 2 1.43 12.63 2.26
C ASN A 2 0.72 12.11 1.01
N PHE A 3 1.39 11.22 0.31
CA PHE A 3 0.81 10.57 -0.85
C PHE A 3 0.32 9.18 -0.46
N ALA A 4 -0.62 8.64 -1.22
CA ALA A 4 -1.20 7.34 -0.90
C ALA A 4 -0.28 6.21 -1.33
N GLY A 5 0.66 5.87 -0.46
CA GLY A 5 1.57 4.78 -0.75
C GLY A 5 1.18 3.51 -0.02
N GLY A 6 0.05 2.93 -0.42
CA GLY A 6 -0.40 1.69 0.20
C GLY A 6 -1.89 1.48 0.04
N CYS A 7 -2.30 0.23 -0.02
CA CYS A 7 -3.71 -0.10 -0.05
C CYS A 7 -4.31 -0.14 1.36
N LEU A 8 -4.37 -1.34 1.95
CA LEU A 8 -4.94 -1.52 3.28
C LEU A 8 -3.86 -1.40 4.36
N THR A 9 -4.24 -1.73 5.58
CA THR A 9 -3.34 -1.67 6.71
C THR A 9 -2.18 -2.66 6.53
N GLY A 10 -0.96 -2.15 6.61
CA GLY A 10 0.22 -2.97 6.45
C GLY A 10 0.53 -3.30 5.01
N PHE A 11 -0.11 -2.59 4.09
CA PHE A 11 0.07 -2.85 2.66
C PHE A 11 0.87 -1.76 1.99
N MET A 12 1.91 -2.16 1.28
CA MET A 12 2.67 -1.23 0.46
C MET A 12 2.23 -1.35 -0.99
N ARG A 13 1.65 -0.28 -1.52
CA ARG A 13 1.21 -0.26 -2.91
C ARG A 13 2.36 0.04 -3.84
N THR A 14 2.41 -0.69 -4.93
CA THR A 14 3.34 -0.41 -5.99
C THR A 14 2.59 0.27 -7.14
N PRO A 15 3.27 1.15 -7.90
CA PRO A 15 2.66 1.87 -9.04
C PRO A 15 1.88 0.99 -10.01
N ASP A 16 2.10 -0.33 -9.93
CA ASP A 16 1.43 -1.28 -10.82
C ASP A 16 -0.01 -1.53 -10.38
N GLY A 17 -0.33 -1.16 -9.15
CA GLY A 17 -1.67 -1.32 -8.63
C GLY A 17 -1.78 -2.47 -7.65
N ARG A 18 -0.69 -3.20 -7.50
CA ARG A 18 -0.64 -4.32 -6.57
C ARG A 18 -0.17 -3.85 -5.20
N CYS A 19 -0.74 -4.44 -4.15
CA CYS A 19 -0.41 -4.06 -2.79
C CYS A 19 -0.08 -5.29 -1.96
N LYS A 20 1.10 -5.28 -1.36
CA LYS A 20 1.56 -6.43 -0.59
C LYS A 20 1.83 -6.04 0.85
N PRO A 21 1.42 -6.89 1.81
CA PRO A 21 1.75 -6.72 3.22
C PRO A 21 3.24 -6.56 3.44
N THR A 22 3.60 -5.61 4.28
CA THR A 22 4.98 -5.32 4.56
C THR A 22 5.22 -5.22 6.06
N PHE A 23 6.28 -5.87 6.51
CA PHE A 23 6.70 -5.78 7.89
C PHE A 23 8.15 -5.30 7.95
N GLU A 1 1.14 17.73 1.67
CA GLU A 1 -0.24 18.23 1.48
C GLU A 1 -1.18 17.08 1.13
N ASN A 2 -0.67 16.13 0.35
CA ASN A 2 -1.41 14.92 0.03
C ASN A 2 -0.74 13.73 0.68
N PHE A 3 -1.46 12.63 0.82
CA PHE A 3 -0.94 11.46 1.50
C PHE A 3 -1.38 10.18 0.79
N ALA A 4 -0.44 9.48 0.19
CA ALA A 4 -0.72 8.19 -0.41
C ALA A 4 -0.91 7.13 0.65
N GLY A 5 0.06 7.04 1.55
CA GLY A 5 0.03 6.00 2.55
C GLY A 5 0.38 4.65 1.96
N GLY A 6 -0.42 3.65 2.28
CA GLY A 6 -0.22 2.35 1.71
C GLY A 6 -1.40 1.95 0.84
N CYS A 7 -1.46 0.68 0.47
CA CYS A 7 -2.59 0.17 -0.27
C CYS A 7 -3.73 -0.13 0.70
N LEU A 8 -3.73 -1.33 1.27
CA LEU A 8 -4.58 -1.64 2.41
C LEU A 8 -3.79 -1.37 3.68
N THR A 9 -4.32 -1.79 4.81
CA THR A 9 -3.66 -1.59 6.09
C THR A 9 -2.34 -2.38 6.15
N GLY A 10 -1.22 -1.68 6.18
CA GLY A 10 0.07 -2.35 6.23
C GLY A 10 0.50 -2.91 4.88
N PHE A 11 -0.02 -2.30 3.81
CA PHE A 11 0.30 -2.75 2.46
C PHE A 11 1.17 -1.75 1.72
N MET A 12 2.30 -2.21 1.24
CA MET A 12 3.16 -1.39 0.38
C MET A 12 2.57 -1.37 -1.02
N ARG A 13 1.92 -0.25 -1.34
CA ARG A 13 1.23 -0.08 -2.61
C ARG A 13 2.21 0.25 -3.73
N THR A 14 2.17 -0.55 -4.79
CA THR A 14 2.96 -0.28 -5.98
C THR A 14 2.11 0.47 -7.00
N PRO A 15 2.75 1.27 -7.87
CA PRO A 15 2.04 2.08 -8.88
C PRO A 15 1.13 1.26 -9.81
N ASP A 16 1.36 -0.05 -9.86
CA ASP A 16 0.57 -0.92 -10.74
C ASP A 16 -0.77 -1.27 -10.09
N GLY A 17 -0.82 -1.17 -8.77
CA GLY A 17 -2.02 -1.54 -8.06
C GLY A 17 -1.83 -2.82 -7.27
N ARG A 18 -0.64 -3.40 -7.37
CA ARG A 18 -0.29 -4.59 -6.61
C ARG A 18 0.14 -4.18 -5.21
N CYS A 19 -0.29 -4.92 -4.20
CA CYS A 19 -0.10 -4.50 -2.83
C CYS A 19 0.61 -5.57 -2.01
N LYS A 20 1.67 -5.18 -1.31
CA LYS A 20 2.48 -6.12 -0.54
C LYS A 20 2.39 -5.84 0.95
N PRO A 21 1.68 -6.69 1.71
CA PRO A 21 1.57 -6.55 3.16
C PRO A 21 2.90 -6.77 3.86
N THR A 22 3.13 -6.01 4.92
CA THR A 22 4.32 -6.16 5.74
C THR A 22 4.08 -7.18 6.85
N PHE A 23 2.97 -7.91 6.73
CA PHE A 23 2.56 -8.94 7.68
C PHE A 23 2.11 -8.30 8.99
N GLU A 1 5.59 12.36 -5.63
CA GLU A 1 4.98 11.53 -6.70
C GLU A 1 3.73 10.83 -6.19
N ASN A 2 3.92 9.76 -5.42
CA ASN A 2 2.81 8.95 -4.93
C ASN A 2 2.41 9.37 -3.53
N PHE A 3 1.17 9.81 -3.40
CA PHE A 3 0.63 10.17 -2.11
C PHE A 3 0.06 8.92 -1.44
N ALA A 4 -0.62 8.11 -2.25
CA ALA A 4 -1.16 6.85 -1.79
C ALA A 4 -0.15 5.72 -2.03
N GLY A 5 0.83 5.61 -1.14
CA GLY A 5 1.81 4.54 -1.23
C GLY A 5 1.40 3.35 -0.39
N GLY A 6 0.48 3.57 0.52
CA GLY A 6 -0.04 2.50 1.34
C GLY A 6 -1.41 2.07 0.88
N CYS A 7 -1.57 0.80 0.54
CA CYS A 7 -2.85 0.29 0.07
C CYS A 7 -3.78 0.02 1.25
N LEU A 8 -3.81 -1.23 1.70
CA LEU A 8 -4.62 -1.60 2.85
C LEU A 8 -3.79 -1.50 4.11
N THR A 9 -4.34 -2.01 5.21
CA THR A 9 -3.65 -2.03 6.49
C THR A 9 -2.33 -2.79 6.41
N GLY A 10 -1.22 -2.05 6.40
CA GLY A 10 0.09 -2.67 6.37
C GLY A 10 0.48 -3.12 4.97
N PHE A 11 -0.06 -2.47 3.96
CA PHE A 11 0.19 -2.85 2.59
C PHE A 11 0.95 -1.78 1.82
N MET A 12 2.09 -2.16 1.28
CA MET A 12 2.81 -1.30 0.36
C MET A 12 2.14 -1.40 -1.00
N ARG A 13 1.47 -0.34 -1.41
CA ARG A 13 0.82 -0.33 -2.69
C ARG A 13 1.83 -0.02 -3.78
N THR A 14 1.97 -0.93 -4.72
CA THR A 14 2.92 -0.75 -5.80
C THR A 14 2.35 0.20 -6.85
N PRO A 15 3.23 0.96 -7.52
CA PRO A 15 2.83 1.86 -8.61
C PRO A 15 2.20 1.13 -9.80
N ASP A 16 2.14 -0.19 -9.72
CA ASP A 16 1.49 -0.98 -10.74
C ASP A 16 0.03 -1.23 -10.38
N GLY A 17 -0.23 -1.39 -9.10
CA GLY A 17 -1.59 -1.60 -8.63
C GLY A 17 -1.74 -2.84 -7.77
N ARG A 18 -0.63 -3.31 -7.21
CA ARG A 18 -0.68 -4.48 -6.33
C ARG A 18 -0.46 -4.05 -4.88
N CYS A 19 -1.20 -4.66 -3.97
CA CYS A 19 -1.07 -4.35 -2.56
C CYS A 19 -0.28 -5.44 -1.86
N LYS A 20 0.95 -5.12 -1.47
CA LYS A 20 1.83 -6.09 -0.83
C LYS A 20 1.99 -5.84 0.67
N PRO A 21 1.59 -6.79 1.51
CA PRO A 21 1.82 -6.70 2.96
C PRO A 21 3.29 -6.49 3.27
N THR A 22 3.57 -5.47 4.06
CA THR A 22 4.95 -5.13 4.40
C THR A 22 5.13 -5.06 5.92
N PHE A 23 4.08 -5.44 6.65
CA PHE A 23 4.15 -5.56 8.10
C PHE A 23 3.83 -7.00 8.51
N GLU A 1 -4.32 7.64 -1.09
CA GLU A 1 -3.43 8.44 -1.95
C GLU A 1 -2.16 8.82 -1.21
N ASN A 2 -1.99 10.10 -0.91
CA ASN A 2 -0.73 10.60 -0.31
C ASN A 2 -0.67 10.31 1.18
N PHE A 3 -1.76 10.57 1.88
CA PHE A 3 -1.80 10.35 3.33
C PHE A 3 -2.19 8.92 3.67
N ALA A 4 -2.29 8.08 2.66
CA ALA A 4 -2.62 6.68 2.86
C ALA A 4 -1.35 5.85 3.01
N GLY A 5 -1.43 4.80 3.80
CA GLY A 5 -0.29 3.92 4.01
C GLY A 5 -0.20 2.86 2.94
N GLY A 6 -0.17 3.28 1.69
CA GLY A 6 -0.11 2.35 0.58
C GLY A 6 -1.48 1.88 0.16
N CYS A 7 -1.68 0.57 0.21
CA CYS A 7 -2.97 -0.01 -0.16
C CYS A 7 -3.85 -0.20 1.10
N LEU A 8 -3.65 -1.31 1.80
CA LEU A 8 -4.39 -1.58 3.03
C LEU A 8 -3.60 -1.08 4.24
N THR A 9 -4.08 -1.43 5.42
CA THR A 9 -3.48 -0.96 6.68
C THR A 9 -1.97 -1.27 6.75
N GLY A 10 -1.57 -2.43 6.25
CA GLY A 10 -0.17 -2.79 6.27
C GLY A 10 0.28 -3.27 4.91
N PHE A 11 -0.35 -2.73 3.88
CA PHE A 11 -0.06 -3.14 2.52
C PHE A 11 0.61 -2.05 1.73
N MET A 12 1.82 -2.32 1.28
CA MET A 12 2.52 -1.41 0.40
C MET A 12 1.98 -1.59 -1.00
N ARG A 13 1.24 -0.60 -1.47
CA ARG A 13 0.74 -0.62 -2.83
C ARG A 13 1.80 -0.08 -3.77
N THR A 14 2.07 -0.83 -4.81
CA THR A 14 2.99 -0.38 -5.84
C THR A 14 2.24 0.52 -6.81
N PRO A 15 2.96 1.40 -7.53
CA PRO A 15 2.35 2.26 -8.57
C PRO A 15 1.79 1.42 -9.70
N ASP A 16 2.11 0.13 -9.67
CA ASP A 16 1.62 -0.82 -10.65
C ASP A 16 0.20 -1.26 -10.31
N GLY A 17 -0.13 -1.24 -9.03
CA GLY A 17 -1.47 -1.60 -8.59
C GLY A 17 -1.48 -2.83 -7.70
N ARG A 18 -0.32 -3.41 -7.47
CA ARG A 18 -0.20 -4.57 -6.60
C ARG A 18 -0.16 -4.14 -5.13
N CYS A 19 -0.82 -4.90 -4.27
CA CYS A 19 -0.87 -4.57 -2.85
C CYS A 19 -0.34 -5.73 -2.02
N LYS A 20 0.78 -5.53 -1.35
CA LYS A 20 1.37 -6.60 -0.55
C LYS A 20 1.76 -6.09 0.83
N PRO A 21 1.55 -6.92 1.87
CA PRO A 21 1.94 -6.59 3.25
C PRO A 21 3.43 -6.30 3.38
N THR A 22 3.78 -5.46 4.33
CA THR A 22 5.16 -5.05 4.53
C THR A 22 5.85 -5.91 5.59
N PHE A 23 5.07 -6.41 6.55
CA PHE A 23 5.60 -7.23 7.61
C PHE A 23 4.86 -8.55 7.68
N GLU A 1 0.22 14.21 9.46
CA GLU A 1 -0.74 14.65 8.42
C GLU A 1 -1.08 13.50 7.49
N ASN A 2 -0.08 13.05 6.75
CA ASN A 2 -0.26 11.94 5.81
C ASN A 2 -0.24 10.62 6.56
N PHE A 3 -1.33 9.87 6.43
CA PHE A 3 -1.46 8.60 7.11
C PHE A 3 -1.74 7.50 6.09
N ALA A 4 -1.58 7.84 4.81
CA ALA A 4 -1.77 6.87 3.76
C ALA A 4 -0.54 6.00 3.60
N GLY A 5 -0.41 5.03 4.49
CA GLY A 5 0.74 4.15 4.47
C GLY A 5 0.58 2.99 3.52
N GLY A 6 0.59 3.29 2.22
CA GLY A 6 0.52 2.26 1.21
C GLY A 6 -0.89 2.01 0.70
N CYS A 7 -1.25 0.74 0.58
CA CYS A 7 -2.55 0.34 0.07
C CYS A 7 -3.53 0.11 1.22
N LEU A 8 -3.64 -1.14 1.64
CA LEU A 8 -4.51 -1.50 2.76
C LEU A 8 -3.73 -1.44 4.07
N THR A 9 -4.36 -1.87 5.15
CA THR A 9 -3.71 -1.89 6.45
C THR A 9 -2.46 -2.80 6.43
N GLY A 10 -1.30 -2.18 6.47
CA GLY A 10 -0.06 -2.92 6.48
C GLY A 10 0.43 -3.20 5.07
N PHE A 11 -0.33 -2.75 4.09
CA PHE A 11 0.01 -3.02 2.70
C PHE A 11 0.71 -1.83 2.09
N MET A 12 1.77 -2.08 1.33
CA MET A 12 2.39 -1.04 0.56
C MET A 12 1.97 -1.18 -0.90
N ARG A 13 1.25 -0.18 -1.40
CA ARG A 13 0.76 -0.19 -2.76
C ARG A 13 1.87 0.17 -3.74
N THR A 14 2.13 -0.74 -4.67
CA THR A 14 3.07 -0.48 -5.73
C THR A 14 2.40 0.29 -6.87
N PRO A 15 3.19 0.96 -7.73
CA PRO A 15 2.66 1.71 -8.88
C PRO A 15 1.88 0.82 -9.87
N ASP A 16 2.00 -0.49 -9.71
CA ASP A 16 1.28 -1.44 -10.55
C ASP A 16 -0.15 -1.62 -10.06
N GLY A 17 -0.38 -1.28 -8.80
CA GLY A 17 -1.68 -1.51 -8.20
C GLY A 17 -1.66 -2.74 -7.32
N ARG A 18 -0.53 -3.43 -7.33
CA ARG A 18 -0.36 -4.64 -6.52
C ARG A 18 -0.04 -4.25 -5.08
N CYS A 19 -0.98 -4.52 -4.19
CA CYS A 19 -0.83 -4.19 -2.79
C CYS A 19 -0.10 -5.30 -2.04
N LYS A 20 1.16 -5.06 -1.71
CA LYS A 20 1.96 -6.05 -1.01
C LYS A 20 2.09 -5.67 0.46
N PRO A 21 1.60 -6.54 1.37
CA PRO A 21 1.80 -6.35 2.80
C PRO A 21 3.27 -6.22 3.16
N THR A 22 3.56 -5.40 4.15
CA THR A 22 4.93 -5.16 4.58
C THR A 22 5.30 -6.10 5.74
N PHE A 23 4.72 -7.29 5.72
CA PHE A 23 4.94 -8.27 6.77
C PHE A 23 5.67 -9.48 6.22
N GLU A 1 -7.53 8.69 10.78
CA GLU A 1 -6.08 8.77 10.49
C GLU A 1 -5.80 9.84 9.44
N ASN A 2 -4.60 10.38 9.46
CA ASN A 2 -4.23 11.45 8.55
C ASN A 2 -3.44 10.93 7.37
N PHE A 3 -2.61 9.93 7.61
CA PHE A 3 -1.78 9.36 6.56
C PHE A 3 -2.28 7.96 6.20
N ALA A 4 -2.77 7.81 4.97
CA ALA A 4 -3.35 6.55 4.52
C ALA A 4 -2.29 5.49 4.29
N GLY A 5 -1.06 5.91 4.06
CA GLY A 5 0.02 4.98 3.84
C GLY A 5 0.12 4.52 2.41
N GLY A 6 -0.39 3.32 2.14
CA GLY A 6 -0.34 2.78 0.80
C GLY A 6 -1.66 2.18 0.39
N CYS A 7 -1.71 0.85 0.33
CA CYS A 7 -2.93 0.16 -0.05
C CYS A 7 -3.81 -0.10 1.17
N LEU A 8 -3.81 -1.32 1.67
CA LEU A 8 -4.58 -1.66 2.85
C LEU A 8 -3.73 -1.46 4.10
N THR A 9 -4.21 -1.98 5.22
CA THR A 9 -3.52 -1.86 6.50
C THR A 9 -2.19 -2.61 6.48
N GLY A 10 -1.10 -1.85 6.34
CA GLY A 10 0.21 -2.46 6.25
C GLY A 10 0.46 -3.08 4.89
N PHE A 11 -0.03 -2.42 3.84
CA PHE A 11 0.16 -2.90 2.48
C PHE A 11 0.89 -1.89 1.62
N MET A 12 1.97 -2.33 1.02
CA MET A 12 2.72 -1.51 0.10
C MET A 12 2.01 -1.48 -1.24
N ARG A 13 1.38 -0.36 -1.53
CA ARG A 13 0.72 -0.14 -2.80
C ARG A 13 1.76 0.26 -3.84
N THR A 14 2.09 -0.67 -4.73
CA THR A 14 3.06 -0.40 -5.78
C THR A 14 2.41 0.38 -6.92
N PRO A 15 3.21 1.06 -7.76
CA PRO A 15 2.69 1.90 -8.85
C PRO A 15 1.80 1.11 -9.83
N ASP A 16 1.99 -0.20 -9.87
CA ASP A 16 1.22 -1.05 -10.77
C ASP A 16 -0.08 -1.52 -10.12
N GLY A 17 -0.35 -1.02 -8.92
CA GLY A 17 -1.60 -1.31 -8.25
C GLY A 17 -1.58 -2.61 -7.46
N ARG A 18 -0.38 -3.09 -7.14
CA ARG A 18 -0.26 -4.31 -6.36
C ARG A 18 -0.18 -3.97 -4.88
N CYS A 19 -0.80 -4.79 -4.06
CA CYS A 19 -0.83 -4.55 -2.62
C CYS A 19 -0.17 -5.71 -1.87
N LYS A 20 1.06 -5.49 -1.40
CA LYS A 20 1.78 -6.51 -0.65
C LYS A 20 1.93 -6.12 0.82
N PRO A 21 1.56 -7.00 1.75
CA PRO A 21 1.73 -6.77 3.19
C PRO A 21 3.18 -6.51 3.59
N THR A 22 3.42 -5.39 4.25
CA THR A 22 4.75 -5.04 4.70
C THR A 22 5.02 -5.60 6.09
N PHE A 23 5.93 -6.57 6.15
CA PHE A 23 6.34 -7.20 7.40
C PHE A 23 5.13 -7.75 8.16
N GLU A 1 -13.62 15.58 -0.77
CA GLU A 1 -12.40 14.99 -0.18
C GLU A 1 -12.44 13.47 -0.23
N ASN A 2 -11.49 12.89 -0.94
CA ASN A 2 -11.40 11.44 -1.08
C ASN A 2 -9.97 11.03 -1.37
N PHE A 3 -9.41 10.16 -0.53
CA PHE A 3 -8.06 9.67 -0.71
C PHE A 3 -7.88 8.34 0.02
N ALA A 4 -7.43 7.32 -0.70
CA ALA A 4 -7.26 6.00 -0.11
C ALA A 4 -5.85 5.82 0.44
N GLY A 5 -4.95 6.73 0.08
CA GLY A 5 -3.56 6.63 0.51
C GLY A 5 -2.79 5.63 -0.33
N GLY A 6 -3.15 4.37 -0.19
CA GLY A 6 -2.53 3.32 -0.95
C GLY A 6 -3.38 2.07 -0.94
N CYS A 7 -2.82 0.98 -0.42
CA CYS A 7 -3.59 -0.22 -0.17
C CYS A 7 -4.06 -0.22 1.28
N LEU A 8 -4.46 -1.37 1.81
CA LEU A 8 -4.97 -1.46 3.17
C LEU A 8 -3.85 -1.43 4.21
N THR A 9 -4.24 -1.57 5.47
CA THR A 9 -3.32 -1.47 6.60
C THR A 9 -2.14 -2.44 6.48
N GLY A 10 -0.93 -1.89 6.43
CA GLY A 10 0.25 -2.70 6.39
C GLY A 10 0.67 -3.05 4.97
N PHE A 11 -0.14 -2.65 4.00
CA PHE A 11 0.10 -3.00 2.62
C PHE A 11 0.90 -1.94 1.89
N MET A 12 1.94 -2.37 1.21
CA MET A 12 2.70 -1.51 0.34
C MET A 12 2.07 -1.53 -1.05
N ARG A 13 1.38 -0.46 -1.39
CA ARG A 13 0.81 -0.33 -2.72
C ARG A 13 1.89 0.08 -3.70
N THR A 14 1.96 -0.61 -4.80
CA THR A 14 2.96 -0.35 -5.81
C THR A 14 2.36 0.43 -6.98
N PRO A 15 3.20 1.11 -7.77
CA PRO A 15 2.76 1.82 -8.98
C PRO A 15 2.11 0.89 -10.00
N ASP A 16 2.21 -0.41 -9.76
CA ASP A 16 1.60 -1.40 -10.63
C ASP A 16 0.11 -1.53 -10.34
N GLY A 17 -0.30 -1.05 -9.18
CA GLY A 17 -1.68 -1.17 -8.75
C GLY A 17 -1.86 -2.30 -7.77
N ARG A 18 -0.78 -3.00 -7.47
CA ARG A 18 -0.80 -4.10 -6.52
C ARG A 18 -0.44 -3.62 -5.14
N CYS A 19 -0.49 -4.52 -4.17
CA CYS A 19 -0.03 -4.22 -2.83
C CYS A 19 0.29 -5.49 -2.06
N LYS A 20 1.31 -5.42 -1.23
CA LYS A 20 1.74 -6.55 -0.42
C LYS A 20 1.93 -6.12 1.03
N PRO A 21 1.47 -6.91 2.00
CA PRO A 21 1.76 -6.66 3.41
C PRO A 21 3.25 -6.61 3.67
N THR A 22 3.70 -5.53 4.30
CA THR A 22 5.12 -5.32 4.56
C THR A 22 5.58 -6.15 5.76
N PHE A 23 4.63 -6.69 6.51
CA PHE A 23 4.93 -7.51 7.67
C PHE A 23 4.82 -8.98 7.32
N GLU A 1 -7.31 12.59 0.75
CA GLU A 1 -6.81 11.64 1.76
C GLU A 1 -5.29 11.57 1.70
N ASN A 2 -4.65 11.86 2.83
CA ASN A 2 -3.19 11.90 2.92
C ASN A 2 -2.67 10.91 3.96
N PHE A 3 -3.50 10.57 4.94
CA PHE A 3 -3.05 9.76 6.08
C PHE A 3 -3.06 8.27 5.75
N ALA A 4 -3.10 7.94 4.46
CA ALA A 4 -3.03 6.55 4.04
C ALA A 4 -1.59 6.12 3.81
N GLY A 5 -1.03 6.52 2.67
CA GLY A 5 0.37 6.25 2.36
C GLY A 5 0.61 4.80 1.96
N GLY A 6 -0.46 4.12 1.54
CA GLY A 6 -0.34 2.73 1.15
C GLY A 6 -1.67 2.18 0.68
N CYS A 7 -1.76 0.87 0.52
CA CYS A 7 -3.00 0.23 0.12
C CYS A 7 -3.92 0.02 1.33
N LEU A 8 -3.92 -1.20 1.88
CA LEU A 8 -4.62 -1.47 3.14
C LEU A 8 -3.65 -1.29 4.31
N THR A 9 -4.09 -1.65 5.52
CA THR A 9 -3.23 -1.54 6.70
C THR A 9 -2.02 -2.47 6.58
N GLY A 10 -0.84 -1.86 6.43
CA GLY A 10 0.37 -2.64 6.32
C GLY A 10 0.60 -3.15 4.92
N PHE A 11 -0.13 -2.61 3.95
CA PHE A 11 -0.03 -3.05 2.57
C PHE A 11 0.72 -2.04 1.72
N MET A 12 1.80 -2.48 1.11
CA MET A 12 2.54 -1.65 0.18
C MET A 12 1.82 -1.63 -1.15
N ARG A 13 1.14 -0.54 -1.46
CA ARG A 13 0.50 -0.38 -2.75
C ARG A 13 1.51 0.12 -3.75
N THR A 14 1.88 -0.73 -4.67
CA THR A 14 2.85 -0.36 -5.69
C THR A 14 2.18 0.46 -6.78
N PRO A 15 2.94 1.34 -7.46
CA PRO A 15 2.42 2.14 -8.57
C PRO A 15 1.98 1.27 -9.75
N ASP A 16 2.32 -0.01 -9.67
CA ASP A 16 1.90 -0.99 -10.66
C ASP A 16 0.46 -1.43 -10.39
N GLY A 17 0.02 -1.27 -9.14
CA GLY A 17 -1.32 -1.63 -8.77
C GLY A 17 -1.40 -2.95 -8.03
N ARG A 18 -0.28 -3.34 -7.44
CA ARG A 18 -0.23 -4.53 -6.61
C ARG A 18 -0.09 -4.15 -5.14
N CYS A 19 -0.93 -4.75 -4.29
CA CYS A 19 -0.90 -4.49 -2.87
C CYS A 19 -0.42 -5.72 -2.10
N LYS A 20 0.72 -5.61 -1.44
CA LYS A 20 1.21 -6.71 -0.62
C LYS A 20 1.69 -6.21 0.74
N PRO A 21 1.37 -6.94 1.81
CA PRO A 21 1.77 -6.58 3.18
C PRO A 21 3.28 -6.44 3.32
N THR A 22 3.67 -5.50 4.16
CA THR A 22 5.07 -5.23 4.41
C THR A 22 5.24 -4.58 5.78
N PHE A 23 6.19 -5.10 6.54
CA PHE A 23 6.50 -4.56 7.85
C PHE A 23 8.00 -4.54 8.07
N GLU A 1 -1.97 11.93 6.02
CA GLU A 1 -2.70 11.43 7.21
C GLU A 1 -2.84 9.91 7.18
N ASN A 2 -2.70 9.31 6.00
CA ASN A 2 -2.83 7.87 5.87
C ASN A 2 -1.56 7.17 6.32
N PHE A 3 -1.71 6.21 7.21
CA PHE A 3 -0.56 5.50 7.75
C PHE A 3 -0.23 4.28 6.90
N ALA A 4 -1.18 3.89 6.07
CA ALA A 4 -0.97 2.78 5.15
C ALA A 4 -0.08 3.22 4.00
N GLY A 5 0.86 2.36 3.63
CA GLY A 5 1.81 2.70 2.59
C GLY A 5 1.28 2.43 1.20
N GLY A 6 0.05 2.81 0.96
CA GLY A 6 -0.54 2.61 -0.35
C GLY A 6 -1.94 2.06 -0.25
N CYS A 7 -2.04 0.74 -0.06
CA CYS A 7 -3.33 0.09 0.01
C CYS A 7 -3.87 0.08 1.45
N LEU A 8 -4.14 -1.11 1.97
CA LEU A 8 -4.80 -1.26 3.25
C LEU A 8 -3.81 -1.32 4.41
N THR A 9 -4.28 -1.73 5.58
CA THR A 9 -3.45 -1.82 6.77
C THR A 9 -2.28 -2.79 6.57
N GLY A 10 -1.07 -2.25 6.64
CA GLY A 10 0.12 -3.06 6.48
C GLY A 10 0.49 -3.28 5.02
N PHE A 11 -0.25 -2.66 4.12
CA PHE A 11 -0.05 -2.86 2.69
C PHE A 11 0.68 -1.70 2.05
N MET A 12 1.67 -2.04 1.22
CA MET A 12 2.33 -1.07 0.37
C MET A 12 1.88 -1.28 -1.07
N ARG A 13 1.26 -0.29 -1.66
CA ARG A 13 0.80 -0.39 -3.03
C ARG A 13 1.95 -0.10 -3.98
N THR A 14 2.12 -0.96 -4.97
CA THR A 14 3.11 -0.74 -6.01
C THR A 14 2.58 0.27 -7.04
N PRO A 15 3.45 0.86 -7.87
CA PRO A 15 3.05 1.82 -8.91
C PRO A 15 2.05 1.22 -9.88
N ASP A 16 2.13 -0.09 -10.08
CA ASP A 16 1.23 -0.77 -11.00
C ASP A 16 -0.10 -1.04 -10.33
N GLY A 17 -0.09 -1.21 -9.02
CA GLY A 17 -1.33 -1.42 -8.30
C GLY A 17 -1.43 -2.80 -7.68
N ARG A 18 -0.33 -3.29 -7.13
CA ARG A 18 -0.33 -4.56 -6.40
C ARG A 18 -0.12 -4.28 -4.92
N CYS A 19 -1.03 -4.77 -4.10
CA CYS A 19 -0.97 -4.52 -2.68
C CYS A 19 -0.19 -5.62 -1.97
N LYS A 20 0.96 -5.25 -1.41
CA LYS A 20 1.79 -6.21 -0.70
C LYS A 20 1.88 -5.84 0.78
N PRO A 21 1.52 -6.75 1.68
CA PRO A 21 1.82 -6.61 3.10
C PRO A 21 3.33 -6.53 3.33
N THR A 22 3.76 -5.58 4.10
CA THR A 22 5.18 -5.42 4.34
C THR A 22 5.47 -5.15 5.81
N PHE A 23 6.38 -5.94 6.36
CA PHE A 23 6.84 -5.75 7.73
C PHE A 23 7.94 -4.70 7.77
N GLU A 1 -7.96 10.81 1.02
CA GLU A 1 -8.30 9.86 -0.06
C GLU A 1 -7.11 9.00 -0.45
N ASN A 2 -6.20 9.58 -1.24
CA ASN A 2 -5.09 8.80 -1.82
C ASN A 2 -3.79 9.03 -1.05
N PHE A 3 -3.83 9.90 -0.07
CA PHE A 3 -2.64 10.23 0.71
C PHE A 3 -2.51 9.32 1.93
N ALA A 4 -2.91 8.06 1.74
CA ALA A 4 -2.81 7.06 2.80
C ALA A 4 -1.39 6.50 2.86
N GLY A 5 -0.77 6.33 1.70
CA GLY A 5 0.57 5.79 1.65
C GLY A 5 0.59 4.28 1.62
N GLY A 6 -0.03 3.70 0.61
CA GLY A 6 -0.07 2.27 0.49
C GLY A 6 -1.41 1.75 0.03
N CYS A 7 -1.57 0.44 0.05
CA CYS A 7 -2.82 -0.18 -0.38
C CYS A 7 -3.78 -0.29 0.82
N LEU A 8 -3.73 -1.40 1.54
CA LEU A 8 -4.52 -1.59 2.74
C LEU A 8 -3.73 -1.13 3.96
N THR A 9 -4.24 -1.47 5.14
CA THR A 9 -3.68 -1.01 6.41
C THR A 9 -2.16 -1.22 6.50
N GLY A 10 -1.69 -2.41 6.16
CA GLY A 10 -0.26 -2.68 6.19
C GLY A 10 0.23 -3.21 4.86
N PHE A 11 -0.31 -2.66 3.78
CA PHE A 11 0.02 -3.13 2.46
C PHE A 11 0.78 -2.08 1.68
N MET A 12 1.96 -2.46 1.23
CA MET A 12 2.78 -1.63 0.37
C MET A 12 2.25 -1.72 -1.06
N ARG A 13 1.50 -0.70 -1.45
CA ARG A 13 0.97 -0.63 -2.81
C ARG A 13 2.02 -0.13 -3.77
N THR A 14 2.22 -0.88 -4.84
CA THR A 14 3.12 -0.49 -5.90
C THR A 14 2.39 0.45 -6.87
N PRO A 15 3.13 1.23 -7.68
CA PRO A 15 2.55 2.07 -8.73
C PRO A 15 1.68 1.27 -9.72
N ASP A 16 1.84 -0.05 -9.71
CA ASP A 16 1.05 -0.93 -10.59
C ASP A 16 -0.33 -1.16 -10.00
N GLY A 17 -0.47 -0.85 -8.72
CA GLY A 17 -1.74 -1.06 -8.05
C GLY A 17 -1.76 -2.35 -7.25
N ARG A 18 -0.60 -2.98 -7.13
CA ARG A 18 -0.50 -4.24 -6.40
C ARG A 18 -0.39 -3.97 -4.90
N CYS A 19 -0.73 -4.97 -4.10
CA CYS A 19 -0.76 -4.81 -2.65
C CYS A 19 0.05 -5.91 -1.98
N LYS A 20 1.19 -5.53 -1.41
CA LYS A 20 2.03 -6.50 -0.70
C LYS A 20 2.20 -6.11 0.75
N PRO A 21 1.78 -6.96 1.69
CA PRO A 21 2.03 -6.76 3.11
C PRO A 21 3.49 -6.42 3.40
N THR A 22 3.69 -5.58 4.38
CA THR A 22 5.02 -5.21 4.80
C THR A 22 5.13 -5.30 6.32
N PHE A 23 6.29 -5.77 6.77
CA PHE A 23 6.54 -6.05 8.18
C PHE A 23 5.76 -7.29 8.62
#